data_4O8V
#
_entry.id   4O8V
#
_cell.length_a   192.493
_cell.length_b   33.998
_cell.length_c   82.915
_cell.angle_alpha   90.00
_cell.angle_beta   91.93
_cell.angle_gamma   90.00
#
_symmetry.space_group_name_H-M   'C 1 2 1'
#
loop_
_entity.id
_entity.type
_entity.pdbx_description
1 polymer 'Alginate biosynthesis protein AlgJ'
2 water water
#
_entity_poly.entity_id   1
_entity_poly.type   'polypeptide(L)'
_entity_poly.pdbx_seq_one_letter_code
;GSH(MSE)NEGRPGVVLGRDQWLFSDEEFKPTAGAEQL(MSE)QENLALIRGVRDTLQQHGSQLVLAIVPAKARVYTEYL
GKERPASLHDDLYNQFHAQARQANVFAPDL(MSE)AP(MSE)EQAKARGQVFLRTDTHWTP(MSE)GAEVAAQALAEAVS
RQSLLNGDPQAFITEAGNTAPYKGDLTNFLPLDPLFSNLLPAPDNLQKRTTRPVDAEGDAGDALFADKQIPVALVGTSYS
ANPHWNFLGALQQALRSDVANYAEDGHGPLLP(MSE)LKYLQSDAFKNAAPQVVVWEFPERYLP(MSE)KNDLSSFDPQW
IAQLKNSRLEHHHHHH
;
_entity_poly.pdbx_strand_id   A,B
#
# COMPACT_ATOMS: atom_id res chain seq x y z
N PRO A 9 18.68 -7.29 21.87
CA PRO A 9 17.60 -7.18 20.89
C PRO A 9 18.04 -6.35 19.69
N GLY A 10 18.05 -6.96 18.51
CA GLY A 10 18.61 -6.34 17.32
C GLY A 10 17.86 -6.57 16.01
N VAL A 11 18.48 -6.14 14.93
CA VAL A 11 17.85 -6.19 13.62
C VAL A 11 18.79 -6.84 12.59
N VAL A 12 18.21 -7.55 11.63
CA VAL A 12 18.95 -8.17 10.53
C VAL A 12 18.50 -7.56 9.22
N LEU A 13 19.46 -7.21 8.37
CA LEU A 13 19.11 -6.62 7.08
C LEU A 13 18.76 -7.69 6.08
N GLY A 14 17.66 -7.50 5.36
CA GLY A 14 17.30 -8.37 4.24
C GLY A 14 17.48 -7.65 2.91
N ARG A 15 16.94 -8.25 1.84
CA ARG A 15 16.98 -7.62 0.50
C ARG A 15 15.89 -6.59 0.35
N ASP A 16 16.03 -5.68 -0.63
CA ASP A 16 14.96 -4.75 -0.98
C ASP A 16 14.49 -3.91 0.23
N GLN A 17 15.44 -3.52 1.08
N GLN A 17 15.44 -3.57 1.09
CA GLN A 17 15.16 -2.71 2.26
CA GLN A 17 15.18 -2.74 2.26
C GLN A 17 14.13 -3.37 3.23
C GLN A 17 14.17 -3.37 3.24
N TRP A 18 14.17 -4.70 3.30
CA TRP A 18 13.43 -5.44 4.34
C TRP A 18 14.30 -5.55 5.61
N LEU A 19 13.67 -5.52 6.78
CA LEU A 19 14.35 -5.67 8.06
C LEU A 19 13.74 -6.84 8.81
N PHE A 20 14.53 -7.57 9.59
CA PHE A 20 13.98 -8.65 10.41
C PHE A 20 14.46 -8.48 11.85
N SER A 21 13.68 -9.03 12.80
CA SER A 21 14.14 -9.14 14.19
C SER A 21 15.20 -10.22 14.30
N ASP A 22 16.32 -9.93 14.97
CA ASP A 22 17.34 -10.97 15.13
C ASP A 22 16.86 -12.05 16.11
N GLU A 23 15.72 -11.83 16.76
CA GLU A 23 15.13 -12.85 17.62
C GLU A 23 14.60 -14.02 16.77
N GLU A 24 14.44 -13.78 15.47
CA GLU A 24 14.05 -14.84 14.54
C GLU A 24 15.27 -15.51 13.94
N PHE A 25 16.47 -15.05 14.36
CA PHE A 25 17.73 -15.56 13.82
C PHE A 25 18.64 -16.18 14.87
N LYS A 26 18.75 -15.53 16.02
CA LYS A 26 19.81 -15.81 16.98
C LYS A 26 19.65 -17.16 17.66
N PRO A 27 20.77 -17.87 17.90
CA PRO A 27 20.70 -19.03 18.77
C PRO A 27 20.42 -18.60 20.20
N THR A 28 19.88 -19.48 21.02
CA THR A 28 19.72 -19.18 22.43
C THR A 28 20.41 -20.30 23.20
N ALA A 29 21.29 -19.93 24.13
CA ALA A 29 21.92 -20.91 25.02
C ALA A 29 20.87 -21.60 25.89
N GLY A 30 20.89 -22.93 25.88
CA GLY A 30 19.94 -23.71 26.66
C GLY A 30 18.54 -23.64 26.08
N ALA A 31 18.46 -23.40 24.77
CA ALA A 31 17.19 -23.26 24.09
C ALA A 31 16.26 -24.48 24.24
N GLU A 32 16.83 -25.68 24.25
CA GLU A 32 16.05 -26.90 24.39
C GLU A 32 15.30 -26.93 25.71
N GLN A 33 15.99 -26.63 26.81
CA GLN A 33 15.38 -26.66 28.13
C GLN A 33 14.39 -25.50 28.30
N LEU A 34 14.70 -24.35 27.70
CA LEU A 34 13.80 -23.21 27.74
C LEU A 34 12.50 -23.53 27.02
N MSE A 35 12.58 -24.17 25.86
CA MSE A 35 11.36 -24.61 25.15
C MSE A 35 10.53 -25.60 25.97
O MSE A 35 9.29 -25.47 26.04
CB MSE A 35 11.73 -25.24 23.81
CG MSE A 35 12.12 -24.21 22.77
SE MSE A 35 12.77 -25.10 21.15
CE MSE A 35 11.38 -26.50 21.03
N GLN A 36 11.17 -26.57 26.62
N GLN A 36 11.19 -26.58 26.59
CA GLN A 36 10.40 -27.53 27.41
CA GLN A 36 10.54 -27.54 27.47
C GLN A 36 9.80 -26.87 28.65
C GLN A 36 9.77 -26.79 28.56
N GLU A 37 10.45 -25.81 29.15
CA GLU A 37 9.94 -25.11 30.31
C GLU A 37 8.70 -24.29 29.89
N ASN A 38 8.84 -23.54 28.81
CA ASN A 38 7.72 -22.77 28.28
C ASN A 38 6.53 -23.66 27.86
N LEU A 39 6.80 -24.82 27.28
CA LEU A 39 5.71 -25.72 26.91
C LEU A 39 4.97 -26.27 28.13
N ALA A 40 5.72 -26.53 29.20
CA ALA A 40 5.08 -27.02 30.43
C ALA A 40 4.18 -25.94 31.00
N LEU A 41 4.61 -24.68 30.86
CA LEU A 41 3.76 -23.56 31.30
C LEU A 41 2.54 -23.36 30.41
N ILE A 42 2.71 -23.49 29.09
CA ILE A 42 1.57 -23.41 28.20
C ILE A 42 0.53 -24.49 28.50
N ARG A 43 1.00 -25.70 28.74
CA ARG A 43 0.12 -26.81 29.07
C ARG A 43 -0.62 -26.55 30.40
N GLY A 44 0.07 -25.97 31.36
CA GLY A 44 -0.55 -25.65 32.64
C GLY A 44 -1.61 -24.58 32.49
N VAL A 45 -1.35 -23.63 31.62
CA VAL A 45 -2.33 -22.59 31.31
C VAL A 45 -3.57 -23.22 30.67
N ARG A 46 -3.37 -24.09 29.69
CA ARG A 46 -4.48 -24.81 29.06
C ARG A 46 -5.34 -25.54 30.10
N ASP A 47 -4.68 -26.22 31.02
CA ASP A 47 -5.40 -27.00 32.02
C ASP A 47 -6.16 -26.08 32.98
N THR A 48 -5.53 -24.98 33.37
CA THR A 48 -6.15 -23.98 34.26
C THR A 48 -7.41 -23.36 33.62
N LEU A 49 -7.29 -22.97 32.36
CA LEU A 49 -8.43 -22.42 31.62
C LEU A 49 -9.56 -23.44 31.57
N GLN A 50 -9.23 -24.69 31.23
N GLN A 50 -9.22 -24.68 31.23
CA GLN A 50 -10.26 -25.71 31.08
CA GLN A 50 -10.23 -25.73 31.10
C GLN A 50 -11.00 -25.92 32.39
C GLN A 50 -11.01 -25.89 32.40
N GLN A 51 -10.28 -25.86 33.50
CA GLN A 51 -10.86 -26.06 34.83
C GLN A 51 -11.85 -24.96 35.22
N HIS A 52 -11.73 -23.82 34.59
CA HIS A 52 -12.66 -22.71 34.77
C HIS A 52 -13.70 -22.67 33.67
N GLY A 53 -13.69 -23.68 32.81
CA GLY A 53 -14.64 -23.78 31.71
C GLY A 53 -14.32 -22.95 30.49
N SER A 54 -13.04 -22.55 30.34
CA SER A 54 -12.57 -21.82 29.17
C SER A 54 -11.77 -22.71 28.20
N GLN A 55 -12.09 -22.62 26.92
N GLN A 55 -12.11 -22.64 26.92
CA GLN A 55 -11.40 -23.39 25.90
CA GLN A 55 -11.39 -23.36 25.88
C GLN A 55 -10.28 -22.57 25.23
C GLN A 55 -10.26 -22.50 25.34
N LEU A 56 -9.05 -23.07 25.34
CA LEU A 56 -7.88 -22.37 24.81
C LEU A 56 -7.73 -22.60 23.32
N VAL A 57 -7.56 -21.51 22.58
CA VAL A 57 -7.17 -21.60 21.19
C VAL A 57 -5.84 -20.86 21.06
N LEU A 58 -4.78 -21.63 20.91
CA LEU A 58 -3.43 -21.09 20.82
C LEU A 58 -3.20 -20.63 19.39
N ALA A 59 -2.70 -19.40 19.23
CA ALA A 59 -2.48 -18.83 17.89
C ALA A 59 -0.98 -18.62 17.70
N ILE A 60 -0.33 -19.64 17.13
CA ILE A 60 1.13 -19.59 16.95
C ILE A 60 1.43 -18.74 15.70
N VAL A 61 2.02 -17.56 15.88
CA VAL A 61 2.31 -16.69 14.73
C VAL A 61 3.64 -17.08 14.10
N PRO A 62 3.64 -17.39 12.81
CA PRO A 62 4.92 -17.76 12.21
C PRO A 62 5.87 -16.56 12.15
N ALA A 63 7.18 -16.84 12.15
CA ALA A 63 8.19 -15.80 12.07
C ALA A 63 8.10 -15.08 10.73
N LYS A 64 8.36 -13.78 10.73
CA LYS A 64 8.37 -13.04 9.48
C LYS A 64 9.44 -13.62 8.57
N ALA A 65 10.56 -14.03 9.16
CA ALA A 65 11.67 -14.62 8.40
C ALA A 65 11.30 -15.94 7.73
N ARG A 66 10.29 -16.62 8.26
CA ARG A 66 9.83 -17.87 7.68
C ARG A 66 8.83 -17.62 6.56
N VAL A 67 8.00 -16.60 6.71
CA VAL A 67 6.97 -16.29 5.74
C VAL A 67 7.57 -15.54 4.54
N TYR A 68 8.57 -14.69 4.80
CA TYR A 68 9.24 -13.93 3.73
C TYR A 68 10.73 -14.32 3.55
N THR A 69 10.98 -15.60 3.37
CA THR A 69 12.36 -16.08 3.16
C THR A 69 12.98 -15.49 1.90
N GLU A 70 12.13 -15.04 0.98
CA GLU A 70 12.65 -14.55 -0.29
C GLU A 70 13.32 -13.19 -0.11
N TYR A 71 13.12 -12.56 1.04
CA TYR A 71 13.76 -11.27 1.30
C TYR A 71 14.90 -11.39 2.32
N LEU A 72 15.28 -12.62 2.65
CA LEU A 72 16.49 -12.84 3.42
C LEU A 72 17.71 -12.31 2.70
N GLY A 73 18.59 -11.69 3.46
CA GLY A 73 19.83 -11.18 2.89
C GLY A 73 20.96 -12.18 3.06
N LYS A 74 22.15 -11.68 3.37
CA LYS A 74 23.31 -12.52 3.61
C LYS A 74 23.11 -13.43 4.81
N GLU A 75 22.70 -12.85 5.95
CA GLU A 75 22.50 -13.63 7.17
C GLU A 75 21.27 -14.51 7.08
N ARG A 76 21.41 -15.78 7.48
CA ARG A 76 20.27 -16.70 7.61
C ARG A 76 20.07 -17.07 9.08
N PRO A 77 18.82 -17.42 9.47
CA PRO A 77 18.58 -17.82 10.86
C PRO A 77 19.41 -19.05 11.25
N ALA A 78 19.78 -19.18 12.53
CA ALA A 78 20.46 -20.37 13.01
C ALA A 78 19.54 -21.59 12.97
N SER A 79 20.14 -22.77 13.10
CA SER A 79 19.43 -24.02 12.89
C SER A 79 18.24 -24.20 13.84
N LEU A 80 18.32 -23.62 15.03
CA LEU A 80 17.21 -23.64 16.00
C LEU A 80 15.89 -23.22 15.35
N HIS A 81 15.98 -22.25 14.45
CA HIS A 81 14.81 -21.68 13.82
C HIS A 81 14.32 -22.43 12.57
N ASP A 82 15.10 -23.39 12.09
CA ASP A 82 14.74 -24.13 10.88
C ASP A 82 13.33 -24.73 10.94
N ASP A 83 13.03 -25.44 12.01
CA ASP A 83 11.75 -26.13 12.09
C ASP A 83 10.98 -25.83 13.38
N LEU A 84 11.21 -24.62 13.91
CA LEU A 84 10.64 -24.21 15.20
C LEU A 84 9.11 -24.15 15.16
N TYR A 85 8.56 -23.59 14.09
CA TYR A 85 7.12 -23.50 13.93
C TYR A 85 6.47 -24.89 13.99
N ASN A 86 7.00 -25.81 13.18
CA ASN A 86 6.52 -27.18 13.13
C ASN A 86 6.64 -27.90 14.47
N GLN A 87 7.79 -27.74 15.13
CA GLN A 87 7.99 -28.39 16.42
C GLN A 87 7.11 -27.79 17.51
N PHE A 88 6.86 -26.48 17.45
CA PHE A 88 5.91 -25.83 18.37
C PHE A 88 4.52 -26.47 18.18
N HIS A 89 4.08 -26.58 16.94
CA HIS A 89 2.79 -27.21 16.68
C HIS A 89 2.76 -28.67 17.16
N ALA A 90 3.82 -29.42 16.89
CA ALA A 90 3.88 -30.81 17.30
C ALA A 90 3.80 -30.94 18.82
N GLN A 91 4.53 -30.08 19.53
CA GLN A 91 4.55 -30.16 21.01
C GLN A 91 3.23 -29.69 21.61
N ALA A 92 2.62 -28.69 20.98
CA ALA A 92 1.31 -28.23 21.41
C ALA A 92 0.30 -29.35 21.28
N ARG A 93 0.40 -30.12 20.21
CA ARG A 93 -0.49 -31.27 19.98
C ARG A 93 -0.26 -32.34 21.06
N GLN A 94 1.00 -32.64 21.34
CA GLN A 94 1.38 -33.59 22.39
C GLN A 94 0.73 -33.20 23.74
N ALA A 95 0.63 -31.90 23.97
CA ALA A 95 0.10 -31.33 25.21
C ALA A 95 -1.43 -31.18 25.20
N ASN A 96 -2.08 -31.67 24.14
CA ASN A 96 -3.52 -31.48 23.96
C ASN A 96 -3.94 -30.02 23.92
N VAL A 97 -3.08 -29.19 23.33
CA VAL A 97 -3.39 -27.78 23.14
C VAL A 97 -3.84 -27.57 21.69
N PHE A 98 -5.01 -26.95 21.52
CA PHE A 98 -5.57 -26.68 20.20
C PHE A 98 -4.91 -25.48 19.54
N ALA A 99 -4.21 -25.71 18.42
CA ALA A 99 -3.42 -24.67 17.77
C ALA A 99 -3.58 -24.73 16.26
N PRO A 100 -4.57 -24.00 15.75
CA PRO A 100 -4.84 -23.98 14.30
C PRO A 100 -3.63 -23.48 13.51
N ASP A 101 -3.47 -24.01 12.30
CA ASP A 101 -2.34 -23.60 11.48
C ASP A 101 -2.56 -22.23 10.86
N LEU A 102 -1.69 -21.28 11.18
CA LEU A 102 -1.79 -19.93 10.62
C LEU A 102 -0.83 -19.71 9.44
N MSE A 103 0.22 -20.53 9.39
CA MSE A 103 1.22 -20.38 8.34
C MSE A 103 0.64 -20.63 6.93
O MSE A 103 0.85 -19.81 6.03
CB MSE A 103 2.39 -21.33 8.59
CG MSE A 103 3.23 -21.64 7.39
SE MSE A 103 4.70 -20.39 7.41
N ALA A 104 -0.09 -21.72 6.72
CA ALA A 104 -0.61 -22.00 5.38
C ALA A 104 -1.54 -20.88 4.87
N PRO A 105 -2.52 -20.43 5.68
CA PRO A 105 -3.30 -19.33 5.10
C PRO A 105 -2.52 -18.03 4.93
N MSE A 106 -1.63 -17.66 5.84
CA MSE A 106 -0.86 -16.42 5.62
C MSE A 106 0.00 -16.51 4.35
O MSE A 106 0.10 -15.57 3.59
CB MSE A 106 -0.01 -16.09 6.84
CG MSE A 106 -0.89 -15.69 7.98
SE MSE A 106 0.10 -15.19 9.59
CE MSE A 106 0.64 -13.35 9.07
N GLU A 107 0.59 -17.68 4.13
CA GLU A 107 1.38 -17.89 2.92
C GLU A 107 0.54 -17.78 1.66
N GLN A 108 -0.65 -18.39 1.69
N GLN A 108 -0.67 -18.34 1.71
CA GLN A 108 -1.59 -18.30 0.58
CA GLN A 108 -1.57 -18.31 0.56
C GLN A 108 -1.85 -16.82 0.27
C GLN A 108 -2.19 -16.92 0.37
N ALA A 109 -1.99 -16.03 1.35
CA ALA A 109 -2.40 -14.63 1.23
C ALA A 109 -1.32 -13.67 0.70
N LYS A 110 -0.07 -14.11 0.62
CA LYS A 110 1.00 -13.26 0.06
C LYS A 110 0.71 -12.76 -1.37
N ALA A 111 -0.07 -13.52 -2.12
CA ALA A 111 -0.39 -13.13 -3.50
C ALA A 111 -1.22 -11.84 -3.54
N ARG A 112 -1.97 -11.57 -2.47
CA ARG A 112 -2.83 -10.40 -2.39
C ARG A 112 -2.07 -9.11 -2.03
N GLY A 113 -0.95 -9.26 -1.32
CA GLY A 113 -0.20 -8.12 -0.84
C GLY A 113 0.61 -8.55 0.37
N GLN A 114 1.24 -7.60 1.04
CA GLN A 114 2.09 -7.90 2.18
C GLN A 114 1.24 -8.41 3.35
N VAL A 115 1.64 -9.55 3.91
CA VAL A 115 0.99 -10.08 5.10
C VAL A 115 1.82 -9.74 6.36
N PHE A 116 3.08 -9.31 6.16
CA PHE A 116 3.87 -8.63 7.19
C PHE A 116 4.39 -7.30 6.61
N LEU A 117 4.67 -6.35 7.49
CA LEU A 117 5.30 -5.09 7.09
C LEU A 117 6.76 -5.32 6.69
N ARG A 118 7.27 -4.53 5.76
CA ARG A 118 8.68 -4.65 5.33
C ARG A 118 9.71 -4.25 6.42
N THR A 119 9.43 -3.21 7.20
CA THR A 119 10.41 -2.68 8.15
C THR A 119 10.02 -2.86 9.61
N ASP A 120 9.03 -3.70 9.86
CA ASP A 120 8.45 -3.84 11.20
C ASP A 120 8.30 -5.34 11.50
N THR A 121 8.27 -5.72 12.77
CA THR A 121 8.13 -7.13 13.13
C THR A 121 6.72 -7.66 12.84
N HIS A 122 5.74 -6.77 12.75
CA HIS A 122 4.34 -7.22 12.86
C HIS A 122 3.65 -7.56 11.55
N TRP A 123 2.59 -8.37 11.65
CA TRP A 123 1.72 -8.53 10.51
C TRP A 123 1.07 -7.20 10.13
N THR A 124 0.75 -7.08 8.84
CA THR A 124 -0.11 -6.01 8.34
C THR A 124 -1.55 -6.26 8.76
N PRO A 125 -2.39 -5.22 8.65
CA PRO A 125 -3.80 -5.45 8.96
C PRO A 125 -4.43 -6.56 8.12
N MSE A 126 -4.07 -6.65 6.84
CA MSE A 126 -4.56 -7.76 6.04
C MSE A 126 -4.04 -9.10 6.56
O MSE A 126 -4.78 -10.09 6.58
CB MSE A 126 -4.19 -7.57 4.56
CG MSE A 126 -4.82 -8.60 3.65
SE MSE A 126 -3.65 -10.13 3.28
CE MSE A 126 -2.44 -9.29 1.98
N GLY A 127 -2.77 -9.13 6.99
CA GLY A 127 -2.19 -10.36 7.51
C GLY A 127 -2.89 -10.82 8.78
N ALA A 128 -3.17 -9.87 9.65
CA ALA A 128 -3.85 -10.19 10.91
C ALA A 128 -5.29 -10.66 10.64
N GLU A 129 -5.89 -10.14 9.58
CA GLU A 129 -7.25 -10.48 9.26
C GLU A 129 -7.32 -11.93 8.74
N VAL A 130 -6.35 -12.31 7.91
CA VAL A 130 -6.22 -13.69 7.47
C VAL A 130 -6.08 -14.64 8.66
N ALA A 131 -5.23 -14.27 9.62
CA ALA A 131 -5.06 -15.08 10.85
C ALA A 131 -6.38 -15.18 11.61
N ALA A 132 -7.05 -14.05 11.81
CA ALA A 132 -8.36 -14.08 12.49
C ALA A 132 -9.37 -14.97 11.77
N GLN A 133 -9.37 -14.94 10.45
CA GLN A 133 -10.31 -15.78 9.73
C GLN A 133 -10.00 -17.26 9.90
N ALA A 134 -8.72 -17.62 9.87
CA ALA A 134 -8.33 -19.00 10.08
C ALA A 134 -8.74 -19.46 11.48
N LEU A 135 -8.51 -18.60 12.47
CA LEU A 135 -8.87 -18.96 13.84
C LEU A 135 -10.39 -19.10 13.96
N ALA A 136 -11.16 -18.21 13.35
CA ALA A 136 -12.62 -18.31 13.41
C ALA A 136 -13.17 -19.57 12.74
N GLU A 137 -12.54 -19.99 11.64
N GLU A 137 -12.55 -19.99 11.62
CA GLU A 137 -12.93 -21.22 10.95
CA GLU A 137 -12.95 -21.24 10.97
C GLU A 137 -12.73 -22.43 11.85
C GLU A 137 -12.78 -22.40 11.94
N ALA A 138 -11.63 -22.43 12.60
CA ALA A 138 -11.32 -23.51 13.53
C ALA A 138 -12.29 -23.49 14.71
N VAL A 139 -12.55 -22.32 15.26
CA VAL A 139 -13.50 -22.18 16.36
C VAL A 139 -14.88 -22.69 15.96
N SER A 140 -15.35 -22.33 14.76
CA SER A 140 -16.63 -22.80 14.26
C SER A 140 -16.61 -24.32 14.06
N ARG A 141 -15.51 -24.84 13.52
CA ARG A 141 -15.40 -26.26 13.22
C ARG A 141 -15.53 -27.12 14.49
N GLN A 142 -14.97 -26.62 15.59
CA GLN A 142 -14.99 -27.33 16.88
C GLN A 142 -16.18 -26.96 17.77
N SER A 143 -17.05 -26.09 17.29
CA SER A 143 -18.22 -25.65 18.05
C SER A 143 -17.87 -25.10 19.42
N LEU A 144 -16.86 -24.24 19.50
CA LEU A 144 -16.37 -23.77 20.80
C LEU A 144 -17.22 -22.64 21.35
N LEU A 145 -17.94 -21.96 20.47
CA LEU A 145 -18.78 -20.84 20.87
C LEU A 145 -20.25 -21.16 20.71
N ASN A 146 -21.02 -20.82 21.73
CA ASN A 146 -22.46 -20.79 21.57
C ASN A 146 -22.93 -19.38 21.94
N GLY A 147 -24.19 -19.10 21.74
CA GLY A 147 -24.68 -17.75 21.99
C GLY A 147 -25.03 -17.10 20.67
N ASP A 148 -25.84 -16.06 20.74
CA ASP A 148 -26.28 -15.37 19.54
C ASP A 148 -25.13 -14.66 18.87
N PRO A 149 -25.01 -14.84 17.55
CA PRO A 149 -23.98 -14.15 16.78
C PRO A 149 -24.18 -12.65 16.88
N GLN A 150 -23.08 -11.91 16.99
CA GLN A 150 -23.16 -10.47 16.91
C GLN A 150 -22.40 -10.01 15.68
N ALA A 151 -22.98 -9.11 14.91
CA ALA A 151 -22.34 -8.69 13.66
C ALA A 151 -21.43 -7.48 13.86
N PHE A 152 -20.31 -7.47 13.14
CA PHE A 152 -19.41 -6.33 13.20
C PHE A 152 -19.10 -5.91 11.78
N ILE A 153 -18.79 -4.64 11.60
CA ILE A 153 -18.36 -4.12 10.30
C ILE A 153 -16.97 -3.49 10.43
N THR A 154 -16.06 -3.85 9.53
CA THR A 154 -14.72 -3.28 9.50
C THR A 154 -14.65 -2.30 8.35
N GLU A 155 -14.21 -1.07 8.62
CA GLU A 155 -14.09 -0.07 7.56
C GLU A 155 -12.61 0.28 7.35
N ALA A 156 -12.23 0.39 6.09
CA ALA A 156 -10.87 0.75 5.74
C ALA A 156 -10.80 2.26 5.59
N GLY A 157 -9.88 2.88 6.32
CA GLY A 157 -9.69 4.32 6.22
C GLY A 157 -8.55 4.69 5.28
N ASN A 158 -7.84 5.76 5.62
CA ASN A 158 -6.77 6.25 4.76
C ASN A 158 -5.50 5.42 4.94
N THR A 159 -4.58 5.56 3.99
CA THR A 159 -3.26 4.96 4.08
C THR A 159 -2.22 6.07 4.24
N ALA A 160 -1.23 5.86 5.11
CA ALA A 160 -0.18 6.84 5.38
C ALA A 160 1.13 6.13 5.69
N PRO A 161 2.26 6.83 5.56
CA PRO A 161 3.53 6.17 5.91
C PRO A 161 3.58 5.73 7.38
N TYR A 162 4.37 4.71 7.63
CA TYR A 162 4.53 4.18 8.98
C TYR A 162 6.01 3.78 9.19
N LYS A 163 6.66 4.33 10.21
CA LYS A 163 8.04 3.97 10.55
C LYS A 163 8.04 2.70 11.39
N GLY A 164 8.64 1.64 10.87
CA GLY A 164 8.59 0.33 11.51
C GLY A 164 9.44 0.22 12.78
N ASP A 165 9.04 -0.71 13.66
CA ASP A 165 9.67 -0.79 14.97
C ASP A 165 11.14 -1.20 14.85
N LEU A 166 11.48 -1.94 13.79
CA LEU A 166 12.86 -2.37 13.58
C LEU A 166 13.82 -1.26 13.16
N THR A 167 13.31 -0.19 12.57
CA THR A 167 14.19 0.87 12.11
C THR A 167 14.90 1.53 13.29
N ASN A 168 14.31 1.45 14.48
CA ASN A 168 14.91 2.08 15.65
C ASN A 168 16.08 1.29 16.22
N PHE A 169 16.22 0.04 15.78
CA PHE A 169 17.36 -0.78 16.18
C PHE A 169 18.53 -0.62 15.23
N LEU A 170 18.29 0.04 14.11
CA LEU A 170 19.38 0.31 13.18
C LEU A 170 20.31 1.36 13.77
N PRO A 171 21.62 1.18 13.55
CA PRO A 171 22.57 2.29 13.76
C PRO A 171 22.28 3.43 12.79
N ASP A 173 25.33 8.84 14.33
CA ASP A 173 24.40 7.83 13.80
C ASP A 173 23.16 8.45 13.07
N PRO A 174 22.57 9.53 13.62
CA PRO A 174 21.62 10.28 12.78
C PRO A 174 22.30 10.98 11.60
N LEU A 175 23.63 11.00 11.59
CA LEU A 175 24.39 11.42 10.42
C LEU A 175 24.14 10.46 9.25
N PHE A 176 23.51 9.32 9.55
CA PHE A 176 23.24 8.29 8.55
C PHE A 176 21.75 8.04 8.39
N SER A 177 20.94 9.07 8.62
CA SER A 177 19.49 8.92 8.51
C SER A 177 19.09 8.65 7.05
N ASN A 178 19.95 9.07 6.13
CA ASN A 178 19.71 8.89 4.70
C ASN A 178 19.82 7.43 4.27
N LEU A 179 20.38 6.60 5.14
CA LEU A 179 20.50 5.17 4.86
C LEU A 179 19.29 4.34 5.33
N LEU A 180 18.39 4.94 6.13
CA LEU A 180 17.21 4.22 6.62
C LEU A 180 16.37 3.71 5.46
N PRO A 181 15.75 2.53 5.61
CA PRO A 181 14.82 2.04 4.58
C PRO A 181 13.60 2.94 4.45
N ALA A 182 13.00 2.95 3.27
CA ALA A 182 11.74 3.66 3.07
C ALA A 182 10.71 3.19 4.10
N PRO A 183 9.94 4.12 4.66
CA PRO A 183 8.83 3.70 5.54
C PRO A 183 7.86 2.77 4.83
N ASP A 184 7.24 1.86 5.58
CA ASP A 184 6.08 1.12 5.09
C ASP A 184 4.93 2.07 4.83
N ASN A 185 3.90 1.57 4.17
CA ASN A 185 2.61 2.23 4.13
C ASN A 185 1.65 1.44 4.99
N LEU A 186 0.77 2.14 5.70
CA LEU A 186 -0.17 1.48 6.61
C LEU A 186 -1.59 1.98 6.43
N GLN A 187 -2.51 1.05 6.16
CA GLN A 187 -3.92 1.40 6.02
C GLN A 187 -4.62 1.33 7.38
N LYS A 188 -5.30 2.41 7.74
CA LYS A 188 -6.09 2.41 8.96
C LYS A 188 -7.29 1.48 8.78
N ARG A 189 -7.56 0.61 9.74
N ARG A 189 -7.50 0.60 9.75
CA ARG A 189 -8.78 -0.20 9.67
CA ARG A 189 -8.67 -0.27 9.78
C ARG A 189 -9.41 -0.34 11.04
C ARG A 189 -9.35 -0.11 11.12
N THR A 190 -10.68 0.01 11.12
CA THR A 190 -11.42 0.04 12.37
C THR A 190 -12.69 -0.81 12.29
N THR A 191 -13.03 -1.46 13.40
CA THR A 191 -14.16 -2.37 13.45
C THR A 191 -15.18 -1.90 14.48
N ARG A 192 -16.46 -1.93 14.11
CA ARG A 192 -17.51 -1.50 15.01
C ARG A 192 -18.66 -2.50 14.99
N PRO A 193 -19.35 -2.67 16.12
CA PRO A 193 -20.60 -3.44 16.12
C PRO A 193 -21.67 -2.74 15.31
N VAL A 194 -22.56 -3.51 14.69
CA VAL A 194 -23.68 -2.92 13.96
C VAL A 194 -24.70 -2.32 14.93
N ASP A 195 -24.86 -2.96 16.09
CA ASP A 195 -25.73 -2.48 17.17
C ASP A 195 -27.16 -2.20 16.70
N GLN A 209 -20.93 -9.95 30.36
CA GLN A 209 -20.04 -11.09 30.19
C GLN A 209 -19.65 -11.24 28.73
N ILE A 210 -18.35 -11.22 28.45
CA ILE A 210 -17.86 -11.32 27.08
C ILE A 210 -17.41 -12.76 26.85
N PRO A 211 -17.87 -13.38 25.75
CA PRO A 211 -17.63 -14.81 25.56
C PRO A 211 -16.21 -15.17 25.11
N VAL A 212 -15.46 -14.21 24.59
CA VAL A 212 -14.10 -14.49 24.13
C VAL A 212 -13.07 -13.50 24.72
N ALA A 213 -11.93 -14.01 25.19
CA ALA A 213 -10.85 -13.12 25.61
C ALA A 213 -9.65 -13.29 24.69
N LEU A 214 -8.96 -12.19 24.42
CA LEU A 214 -7.74 -12.22 23.60
C LEU A 214 -6.57 -11.91 24.53
N VAL A 215 -5.54 -12.78 24.51
CA VAL A 215 -4.31 -12.55 25.25
C VAL A 215 -3.13 -12.70 24.30
N GLY A 216 -2.15 -11.81 24.43
CA GLY A 216 -0.98 -11.88 23.58
C GLY A 216 -0.04 -10.72 23.73
N THR A 217 0.66 -10.44 22.63
CA THR A 217 1.75 -9.47 22.59
C THR A 217 1.30 -8.22 21.85
N SER A 218 2.29 -7.44 21.41
CA SER A 218 2.01 -6.28 20.57
C SER A 218 1.30 -6.66 19.27
N TYR A 219 1.41 -7.92 18.82
CA TYR A 219 0.62 -8.35 17.64
C TYR A 219 -0.86 -8.15 17.91
N SER A 220 -1.25 -8.29 19.18
CA SER A 220 -2.66 -8.20 19.58
C SER A 220 -2.99 -6.90 20.28
N ALA A 221 -2.02 -6.30 20.96
CA ALA A 221 -2.29 -5.09 21.73
C ALA A 221 -2.33 -3.84 20.90
N ASN A 222 -1.61 -3.84 19.79
CA ASN A 222 -1.47 -2.63 18.98
C ASN A 222 -2.66 -2.47 18.02
N PRO A 223 -3.45 -1.40 18.20
CA PRO A 223 -4.62 -1.12 17.36
C PRO A 223 -4.29 -1.07 15.85
N HIS A 224 -3.04 -0.77 15.50
CA HIS A 224 -2.71 -0.60 14.07
C HIS A 224 -2.98 -1.88 13.25
N TRP A 225 -2.83 -3.06 13.85
CA TRP A 225 -2.99 -4.30 13.08
C TRP A 225 -4.46 -4.77 13.13
N ASN A 226 -5.26 -4.11 13.97
CA ASN A 226 -6.70 -4.38 14.13
C ASN A 226 -7.02 -5.87 14.32
N PHE A 227 -6.15 -6.59 15.02
CA PHE A 227 -6.39 -8.03 15.21
C PHE A 227 -7.64 -8.27 16.08
N LEU A 228 -7.82 -7.46 17.12
CA LEU A 228 -9.04 -7.56 17.92
C LEU A 228 -10.31 -7.42 17.07
N GLY A 229 -10.33 -6.38 16.24
CA GLY A 229 -11.51 -6.11 15.43
C GLY A 229 -11.71 -7.25 14.44
N ALA A 230 -10.60 -7.73 13.86
CA ALA A 230 -10.68 -8.78 12.85
C ALA A 230 -11.29 -10.06 13.47
N LEU A 231 -10.90 -10.34 14.72
CA LEU A 231 -11.46 -11.47 15.46
C LEU A 231 -12.95 -11.29 15.77
N GLN A 232 -13.33 -10.13 16.27
CA GLN A 232 -14.74 -9.82 16.53
C GLN A 232 -15.57 -10.06 15.28
N GLN A 233 -15.13 -9.49 14.17
CA GLN A 233 -15.83 -9.66 12.90
C GLN A 233 -15.88 -11.10 12.44
N ALA A 234 -14.76 -11.82 12.50
CA ALA A 234 -14.73 -13.18 11.97
C ALA A 234 -15.52 -14.14 12.87
N LEU A 235 -15.40 -13.96 14.18
CA LEU A 235 -16.10 -14.80 15.14
C LEU A 235 -17.56 -14.44 15.29
N ARG A 236 -17.95 -13.27 14.78
CA ARG A 236 -19.29 -12.73 15.06
C ARG A 236 -19.55 -12.78 16.58
N SER A 237 -18.60 -12.21 17.31
CA SER A 237 -18.66 -12.22 18.77
C SER A 237 -17.91 -11.04 19.38
N ASP A 238 -18.41 -10.57 20.53
N ASP A 238 -18.39 -10.51 20.51
CA ASP A 238 -17.65 -9.66 21.38
CA ASP A 238 -17.58 -9.50 21.18
C ASP A 238 -16.31 -10.30 21.73
C ASP A 238 -16.35 -10.22 21.72
N VAL A 239 -15.26 -9.48 21.85
CA VAL A 239 -13.98 -10.02 22.30
C VAL A 239 -13.34 -8.98 23.22
N ALA A 240 -12.85 -9.41 24.39
CA ALA A 240 -12.13 -8.49 25.27
C ALA A 240 -10.62 -8.67 25.09
N ASN A 241 -9.90 -7.55 25.08
CA ASN A 241 -8.44 -7.58 24.84
C ASN A 241 -7.65 -7.45 26.15
N TYR A 242 -6.88 -8.48 26.48
CA TYR A 242 -5.96 -8.42 27.60
C TYR A 242 -4.50 -8.57 27.16
N ALA A 243 -4.23 -8.36 25.87
CA ALA A 243 -2.84 -8.34 25.39
C ALA A 243 -2.06 -7.13 25.90
N GLU A 244 -0.73 -7.23 25.90
CA GLU A 244 0.13 -6.17 26.39
C GLU A 244 1.32 -6.06 25.46
N ASP A 245 1.88 -4.87 25.38
CA ASP A 245 3.02 -4.61 24.53
C ASP A 245 4.30 -4.70 25.36
N GLY A 246 5.26 -5.51 24.92
CA GLY A 246 6.61 -5.48 25.45
C GLY A 246 7.02 -6.43 26.56
N HIS A 247 6.22 -7.46 26.83
CA HIS A 247 6.52 -8.40 27.90
C HIS A 247 6.48 -9.84 27.41
N GLY A 248 6.40 -10.02 26.10
CA GLY A 248 6.28 -11.36 25.54
C GLY A 248 4.88 -11.89 25.73
N PRO A 249 4.64 -13.11 25.26
CA PRO A 249 3.30 -13.72 25.21
C PRO A 249 2.87 -14.39 26.52
N LEU A 250 3.82 -14.75 27.39
CA LEU A 250 3.48 -15.54 28.59
C LEU A 250 3.03 -14.66 29.77
N LEU A 251 3.80 -13.62 30.09
CA LEU A 251 3.48 -12.76 31.22
C LEU A 251 2.06 -12.17 31.16
N PRO A 252 1.62 -11.68 30.00
CA PRO A 252 0.23 -11.23 29.98
C PRO A 252 -0.78 -12.37 30.22
N MSE A 253 -0.46 -13.60 29.82
CA MSE A 253 -1.38 -14.71 30.10
C MSE A 253 -1.40 -15.02 31.60
O MSE A 253 -2.48 -15.24 32.16
CB MSE A 253 -1.01 -15.97 29.32
CG MSE A 253 -1.86 -17.17 29.71
SE MSE A 253 -3.80 -16.91 29.44
CE MSE A 253 -3.74 -17.20 27.55
N LEU A 254 -0.24 -15.02 32.25
CA LEU A 254 -0.24 -15.30 33.70
C LEU A 254 -0.98 -14.19 34.47
N LYS A 255 -0.80 -12.94 34.03
N LYS A 255 -0.80 -12.94 34.04
CA LYS A 255 -1.52 -11.83 34.63
CA LYS A 255 -1.54 -11.84 34.65
C LYS A 255 -3.02 -12.02 34.48
C LYS A 255 -3.03 -12.03 34.49
N TYR A 256 -3.45 -12.41 33.29
CA TYR A 256 -4.87 -12.67 33.03
C TYR A 256 -5.46 -13.74 33.96
N LEU A 257 -4.73 -14.84 34.14
CA LEU A 257 -5.22 -15.92 35.00
C LEU A 257 -5.40 -15.48 36.44
N GLN A 258 -4.61 -14.49 36.88
CA GLN A 258 -4.70 -13.99 38.25
C GLN A 258 -5.71 -12.85 38.39
N SER A 259 -6.31 -12.43 37.27
CA SER A 259 -7.17 -11.26 37.27
C SER A 259 -8.59 -11.52 37.77
N ASP A 260 -9.20 -10.47 38.31
CA ASP A 260 -10.61 -10.51 38.69
C ASP A 260 -11.49 -10.82 37.48
N ALA A 261 -11.13 -10.32 36.31
CA ALA A 261 -11.90 -10.55 35.10
C ALA A 261 -12.07 -12.04 34.81
N PHE A 262 -10.97 -12.78 34.88
CA PHE A 262 -11.01 -14.21 34.65
C PHE A 262 -11.69 -14.98 35.78
N LYS A 263 -11.31 -14.67 37.03
CA LYS A 263 -11.83 -15.38 38.20
C LYS A 263 -13.33 -15.20 38.36
N ASN A 264 -13.87 -14.09 37.87
CA ASN A 264 -15.28 -13.79 38.12
C ASN A 264 -16.18 -13.99 36.91
N ALA A 265 -15.59 -14.22 35.75
CA ALA A 265 -16.36 -14.37 34.53
C ALA A 265 -15.49 -15.00 33.45
N ALA A 266 -15.17 -16.27 33.63
CA ALA A 266 -14.37 -16.99 32.64
C ALA A 266 -15.10 -17.06 31.31
N PRO A 267 -14.41 -16.70 30.22
CA PRO A 267 -15.00 -16.69 28.88
C PRO A 267 -15.16 -18.11 28.33
N GLN A 268 -15.99 -18.28 27.31
CA GLN A 268 -16.06 -19.58 26.63
C GLN A 268 -14.74 -19.93 25.93
N VAL A 269 -14.09 -18.93 25.32
CA VAL A 269 -12.88 -19.13 24.53
C VAL A 269 -11.83 -18.09 24.87
N VAL A 270 -10.59 -18.54 25.04
CA VAL A 270 -9.46 -17.62 25.13
C VAL A 270 -8.56 -17.83 23.92
N VAL A 271 -8.37 -16.77 23.14
CA VAL A 271 -7.43 -16.83 22.03
C VAL A 271 -6.09 -16.32 22.56
N TRP A 272 -5.06 -17.15 22.45
CA TRP A 272 -3.74 -16.82 22.98
C TRP A 272 -2.75 -16.70 21.83
N GLU A 273 -2.38 -15.47 21.51
CA GLU A 273 -1.45 -15.18 20.42
C GLU A 273 0.00 -15.26 20.93
N PHE A 274 0.78 -16.12 20.30
CA PHE A 274 2.08 -16.56 20.79
C PHE A 274 3.02 -16.72 19.58
N PRO A 275 3.79 -15.67 19.26
CA PRO A 275 4.66 -15.76 18.09
C PRO A 275 5.77 -16.83 18.28
N GLU A 276 6.14 -17.55 17.23
CA GLU A 276 7.00 -18.71 17.40
C GLU A 276 8.37 -18.40 18.03
N ARG A 277 8.95 -17.24 17.74
CA ARG A 277 10.29 -16.93 18.20
C ARG A 277 10.41 -16.84 19.73
N TYR A 278 9.29 -16.71 20.42
CA TYR A 278 9.30 -16.60 21.88
C TYR A 278 9.44 -17.95 22.58
N LEU A 279 9.22 -19.05 21.87
CA LEU A 279 9.22 -20.37 22.54
C LEU A 279 10.59 -20.71 23.15
N PRO A 280 11.69 -20.43 22.44
CA PRO A 280 12.96 -20.75 23.12
C PRO A 280 13.57 -19.55 23.86
N MSE A 281 12.74 -18.60 24.27
CA MSE A 281 13.21 -17.42 25.01
C MSE A 281 12.82 -17.46 26.48
O MSE A 281 11.77 -17.95 26.86
CB MSE A 281 12.68 -16.14 24.35
CG MSE A 281 13.26 -15.91 22.98
SE MSE A 281 12.55 -14.32 22.04
CE MSE A 281 13.35 -13.00 23.26
N LYS A 282 13.69 -16.91 27.33
CA LYS A 282 13.46 -16.94 28.77
C LYS A 282 12.38 -15.94 29.17
N ASN A 283 11.53 -16.34 30.09
CA ASN A 283 10.55 -15.43 30.65
C ASN A 283 10.89 -15.13 32.08
N ASP A 284 10.77 -13.87 32.47
CA ASP A 284 11.08 -13.49 33.83
C ASP A 284 9.86 -13.78 34.72
N LEU A 285 9.95 -14.85 35.51
CA LEU A 285 8.86 -15.24 36.40
C LEU A 285 9.10 -14.81 37.84
N SER A 286 10.08 -13.93 38.05
CA SER A 286 10.51 -13.57 39.40
C SER A 286 9.39 -12.96 40.24
N SER A 287 8.39 -12.39 39.57
CA SER A 287 7.31 -11.72 40.30
C SER A 287 6.16 -12.67 40.67
N PHE A 288 6.24 -13.92 40.22
CA PHE A 288 5.19 -14.86 40.56
C PHE A 288 5.55 -15.79 41.70
N ASP A 289 4.53 -16.20 42.46
CA ASP A 289 4.71 -17.15 43.56
C ASP A 289 5.21 -18.48 43.02
N PRO A 290 6.35 -18.99 43.53
CA PRO A 290 6.82 -20.27 42.99
C PRO A 290 5.81 -21.41 43.16
N GLN A 291 4.98 -21.35 44.20
CA GLN A 291 3.97 -22.37 44.40
C GLN A 291 2.98 -22.39 43.25
N TRP A 292 2.68 -21.22 42.70
CA TRP A 292 1.74 -21.15 41.60
C TRP A 292 2.40 -21.62 40.31
N ILE A 293 3.66 -21.26 40.13
CA ILE A 293 4.40 -21.73 38.97
C ILE A 293 4.42 -23.25 38.98
N ALA A 294 4.65 -23.82 40.17
CA ALA A 294 4.72 -25.27 40.34
C ALA A 294 3.41 -25.94 39.95
N GLN A 295 2.29 -25.33 40.33
CA GLN A 295 0.97 -25.86 40.04
C GLN A 295 0.73 -25.96 38.53
N LEU A 296 1.14 -24.91 37.83
CA LEU A 296 0.99 -24.83 36.38
C LEU A 296 1.79 -25.94 35.69
N LYS A 297 3.02 -26.15 36.13
CA LYS A 297 3.87 -27.13 35.47
C LYS A 297 3.45 -28.55 35.81
N ASN A 298 2.83 -28.73 36.97
CA ASN A 298 2.48 -30.07 37.45
C ASN A 298 1.00 -30.40 37.25
N SER A 299 0.34 -29.68 36.37
CA SER A 299 -1.12 -29.79 36.22
C SER A 299 -1.58 -31.18 35.77
N ARG A 300 -0.67 -31.96 35.19
CA ARG A 300 -0.99 -33.33 34.78
C ARG A 300 -0.62 -34.32 35.88
N ARG B 8 20.11 13.77 -21.34
CA ARG B 8 19.44 12.50 -21.11
C ARG B 8 18.57 12.58 -19.86
N PRO B 9 17.50 11.77 -19.80
CA PRO B 9 16.73 11.74 -18.54
C PRO B 9 17.56 11.14 -17.41
N GLY B 10 17.42 11.69 -16.21
CA GLY B 10 18.16 11.24 -15.04
C GLY B 10 17.29 11.38 -13.79
N VAL B 11 17.90 11.18 -12.63
CA VAL B 11 17.13 11.13 -11.39
C VAL B 11 17.69 12.12 -10.37
N VAL B 12 16.80 12.69 -9.57
CA VAL B 12 17.15 13.47 -8.39
C VAL B 12 16.69 12.73 -7.13
N LEU B 13 17.58 12.57 -6.15
CA LEU B 13 17.22 11.91 -4.90
C LEU B 13 16.49 12.86 -3.94
N GLY B 14 15.41 12.39 -3.31
CA GLY B 14 14.75 13.17 -2.27
C GLY B 14 15.00 12.56 -0.92
N ARG B 15 14.20 12.92 0.08
CA ARG B 15 14.34 12.26 1.38
C ARG B 15 13.39 11.06 1.48
N ASP B 16 13.62 10.21 2.49
CA ASP B 16 12.77 9.06 2.72
C ASP B 16 12.68 8.08 1.53
N GLN B 17 13.77 7.97 0.78
N GLN B 17 13.78 7.96 0.79
CA GLN B 17 13.87 7.07 -0.38
CA GLN B 17 13.89 7.07 -0.37
C GLN B 17 12.90 7.41 -1.50
C GLN B 17 12.94 7.42 -1.52
N TRP B 18 12.56 8.69 -1.60
CA TRP B 18 11.83 9.20 -2.77
C TRP B 18 12.81 9.57 -3.90
N LEU B 19 12.34 9.39 -5.13
CA LEU B 19 13.10 9.70 -6.35
C LEU B 19 12.28 10.67 -7.20
N PHE B 20 12.94 11.61 -7.87
CA PHE B 20 12.24 12.50 -8.82
C PHE B 20 12.96 12.49 -10.17
N SER B 21 12.22 12.81 -11.23
CA SER B 21 12.83 13.01 -12.55
C SER B 21 13.55 14.35 -12.60
N ASP B 22 14.77 14.36 -13.14
CA ASP B 22 15.47 15.63 -13.22
C ASP B 22 14.83 16.54 -14.28
N GLU B 23 13.89 15.99 -15.05
CA GLU B 23 13.15 16.83 -15.99
C GLU B 23 12.22 17.80 -15.22
N GLU B 24 11.95 17.52 -13.94
CA GLU B 24 11.16 18.46 -13.14
C GLU B 24 12.09 19.45 -12.43
N PHE B 25 13.37 19.36 -12.74
CA PHE B 25 14.40 20.15 -12.05
C PHE B 25 15.25 21.00 -12.99
N LYS B 26 15.80 20.38 -14.03
CA LYS B 26 16.80 21.07 -14.87
C LYS B 26 16.20 22.24 -15.65
N PRO B 27 17.03 23.26 -15.94
CA PRO B 27 16.58 24.30 -16.89
C PRO B 27 16.64 23.73 -18.30
N THR B 28 15.93 24.33 -19.24
CA THR B 28 16.09 23.96 -20.64
C THR B 28 16.66 25.15 -21.39
N ALA B 29 17.67 24.89 -22.21
CA ALA B 29 18.26 25.94 -23.04
C ALA B 29 17.19 26.51 -23.98
N GLY B 30 17.06 27.82 -24.03
CA GLY B 30 16.05 28.46 -24.85
C GLY B 30 14.63 28.14 -24.39
N ALA B 31 14.44 27.97 -23.08
CA ALA B 31 13.14 27.59 -22.55
C ALA B 31 11.98 28.49 -23.01
N GLU B 32 12.22 29.80 -23.07
N GLU B 32 12.22 29.80 -23.07
CA GLU B 32 11.17 30.74 -23.42
CA GLU B 32 11.17 30.75 -23.42
C GLU B 32 10.63 30.51 -24.83
C GLU B 32 10.63 30.52 -24.83
N GLN B 33 11.53 30.29 -25.78
CA GLN B 33 11.14 30.08 -27.17
C GLN B 33 10.40 28.74 -27.31
N LEU B 34 10.89 27.72 -26.62
CA LEU B 34 10.25 26.42 -26.70
C LEU B 34 8.84 26.46 -26.09
N MSE B 35 8.68 27.15 -24.98
CA MSE B 35 7.35 27.26 -24.39
C MSE B 35 6.39 27.99 -25.34
O MSE B 35 5.24 27.56 -25.50
CB MSE B 35 7.39 27.97 -23.03
CG MSE B 35 7.99 27.09 -21.97
SE MSE B 35 7.99 27.98 -20.22
CE MSE B 35 9.37 29.32 -20.51
N GLN B 36 6.84 29.06 -25.99
CA GLN B 36 6.02 29.76 -26.98
C GLN B 36 5.67 28.86 -28.17
N GLU B 37 6.66 28.11 -28.68
CA GLU B 37 6.40 27.20 -29.79
C GLU B 37 5.40 26.13 -29.36
N ASN B 38 5.57 25.55 -28.17
CA ASN B 38 4.69 24.47 -27.78
C ASN B 38 3.28 24.98 -27.51
N LEU B 39 3.17 26.18 -26.95
CA LEU B 39 1.86 26.80 -26.71
C LEU B 39 1.17 27.14 -28.02
N ALA B 40 1.94 27.59 -29.01
CA ALA B 40 1.41 27.87 -30.34
C ALA B 40 0.79 26.61 -30.92
N LEU B 41 1.45 25.48 -30.70
CA LEU B 41 0.99 24.20 -31.25
C LEU B 41 -0.24 23.71 -30.47
N ILE B 42 -0.24 23.86 -29.15
CA ILE B 42 -1.43 23.54 -28.38
C ILE B 42 -2.63 24.36 -28.87
N ARG B 43 -2.40 25.64 -29.14
CA ARG B 43 -3.49 26.50 -29.58
C ARG B 43 -4.02 26.06 -30.96
N GLY B 44 -3.10 25.67 -31.83
CA GLY B 44 -3.48 25.19 -33.16
C GLY B 44 -4.21 23.86 -33.12
N VAL B 45 -3.80 22.99 -32.21
CA VAL B 45 -4.48 21.73 -31.99
C VAL B 45 -5.91 21.98 -31.53
N ARG B 46 -6.07 22.91 -30.59
CA ARG B 46 -7.39 23.25 -30.07
C ARG B 46 -8.31 23.78 -31.19
N ASP B 47 -7.75 24.64 -32.03
CA ASP B 47 -8.49 25.21 -33.15
C ASP B 47 -8.86 24.14 -34.18
N THR B 48 -7.92 23.26 -34.50
CA THR B 48 -8.19 22.14 -35.41
C THR B 48 -9.31 21.25 -34.89
N LEU B 49 -9.20 20.85 -33.63
CA LEU B 49 -10.24 20.04 -33.00
C LEU B 49 -11.60 20.73 -33.03
N GLN B 50 -11.63 22.01 -32.67
CA GLN B 50 -12.89 22.76 -32.66
C GLN B 50 -13.53 22.80 -34.05
N GLN B 51 -12.71 23.09 -35.05
CA GLN B 51 -13.14 23.15 -36.44
C GLN B 51 -13.79 21.83 -36.89
N HIS B 52 -13.33 20.72 -36.30
CA HIS B 52 -13.81 19.40 -36.64
C HIS B 52 -14.94 18.89 -35.74
N GLY B 53 -15.40 19.72 -34.82
CA GLY B 53 -16.49 19.35 -33.93
C GLY B 53 -16.05 18.63 -32.66
N SER B 54 -14.76 18.70 -32.33
CA SER B 54 -14.27 18.10 -31.09
C SER B 54 -13.92 19.15 -30.04
N GLN B 55 -14.31 18.87 -28.79
CA GLN B 55 -13.96 19.74 -27.66
C GLN B 55 -12.71 19.27 -26.95
N LEU B 56 -11.73 20.16 -26.85
CA LEU B 56 -10.48 19.82 -26.17
C LEU B 56 -10.59 20.04 -24.67
N VAL B 57 -10.21 19.03 -23.89
CA VAL B 57 -10.01 19.18 -22.45
C VAL B 57 -8.55 18.88 -22.17
N LEU B 58 -7.77 19.93 -21.94
CA LEU B 58 -6.35 19.77 -21.66
C LEU B 58 -6.16 19.42 -20.17
N ALA B 59 -5.38 18.39 -19.90
CA ALA B 59 -5.18 17.90 -18.54
C ALA B 59 -3.73 18.13 -18.16
N ILE B 60 -3.45 19.26 -17.53
CA ILE B 60 -2.06 19.61 -17.17
C ILE B 60 -1.70 18.87 -15.88
N VAL B 61 -0.84 17.87 -15.99
CA VAL B 61 -0.49 17.08 -14.80
C VAL B 61 0.59 17.80 -14.00
N PRO B 62 0.31 18.12 -12.73
CA PRO B 62 1.36 18.79 -11.94
C PRO B 62 2.58 17.91 -11.76
N ALA B 63 3.74 18.54 -11.61
CA ALA B 63 5.00 17.83 -11.41
C ALA B 63 4.97 17.09 -10.05
N LYS B 64 5.52 15.89 -10.02
CA LYS B 64 5.61 15.17 -8.75
C LYS B 64 6.39 15.99 -7.70
N ALA B 65 7.42 16.71 -8.16
CA ALA B 65 8.21 17.56 -7.29
C ALA B 65 7.39 18.71 -6.72
N ARG B 66 6.30 19.07 -7.41
CA ARG B 66 5.41 20.11 -6.91
C ARG B 66 4.39 19.56 -5.88
N VAL B 67 3.82 18.41 -6.17
CA VAL B 67 2.82 17.81 -5.29
C VAL B 67 3.47 17.28 -4.01
N TYR B 68 4.67 16.77 -4.12
CA TYR B 68 5.37 16.22 -2.94
C TYR B 68 6.62 17.00 -2.58
N THR B 69 6.50 18.32 -2.46
CA THR B 69 7.68 19.14 -2.13
C THR B 69 8.31 18.72 -0.80
N GLU B 70 7.49 18.15 0.10
CA GLU B 70 7.98 17.84 1.44
C GLU B 70 9.01 16.70 1.41
N TYR B 71 9.07 15.97 0.31
CA TYR B 71 10.08 14.92 0.14
C TYR B 71 11.30 15.35 -0.69
N LEU B 72 11.37 16.63 -1.07
CA LEU B 72 12.61 17.11 -1.69
C LEU B 72 13.81 16.97 -0.75
N GLY B 73 14.99 16.75 -1.33
CA GLY B 73 16.24 16.72 -0.58
C GLY B 73 17.00 18.03 -0.71
N LYS B 74 18.33 17.96 -0.80
CA LYS B 74 19.16 19.16 -0.90
C LYS B 74 18.90 19.89 -2.23
N GLU B 75 18.78 19.12 -3.32
CA GLU B 75 18.60 19.71 -4.64
C GLU B 75 17.16 20.17 -4.85
N ARG B 76 17.00 21.39 -5.35
CA ARG B 76 15.69 22.00 -5.64
C ARG B 76 15.56 22.30 -7.13
N PRO B 77 14.33 22.30 -7.66
CA PRO B 77 14.17 22.59 -9.09
C PRO B 77 14.64 24.00 -9.46
N ALA B 78 15.12 24.16 -10.69
CA ALA B 78 15.56 25.47 -11.16
C ALA B 78 14.37 26.41 -11.27
N SER B 79 14.70 27.70 -11.35
CA SER B 79 13.76 28.81 -11.38
C SER B 79 12.61 28.62 -12.39
N LEU B 80 12.94 28.09 -13.56
CA LEU B 80 11.95 27.79 -14.60
C LEU B 80 10.73 27.05 -14.03
N HIS B 81 10.96 26.16 -13.08
CA HIS B 81 9.89 25.28 -12.64
C HIS B 81 9.02 25.87 -11.54
N ASP B 82 9.50 26.95 -10.91
CA ASP B 82 8.86 27.47 -9.70
C ASP B 82 7.38 27.77 -9.90
N ASP B 83 7.05 28.42 -11.01
CA ASP B 83 5.67 28.81 -11.26
C ASP B 83 5.18 28.29 -12.61
N LEU B 84 5.77 27.19 -13.07
CA LEU B 84 5.47 26.68 -14.42
C LEU B 84 3.99 26.23 -14.55
N TYR B 85 3.49 25.59 -13.51
CA TYR B 85 2.10 25.11 -13.51
C TYR B 85 1.09 26.27 -13.64
N ASN B 86 1.22 27.29 -12.81
CA ASN B 86 0.36 28.45 -12.95
C ASN B 86 0.52 29.17 -14.31
N GLN B 87 1.76 29.23 -14.80
CA GLN B 87 1.99 29.93 -16.07
C GLN B 87 1.35 29.16 -17.21
N PHE B 88 1.56 27.84 -17.23
CA PHE B 88 0.91 26.96 -18.21
C PHE B 88 -0.61 27.21 -18.18
N HIS B 89 -1.19 27.22 -16.99
CA HIS B 89 -2.64 27.45 -16.93
C HIS B 89 -3.04 28.84 -17.44
N ALA B 90 -2.25 29.86 -17.14
CA ALA B 90 -2.59 31.21 -17.61
C ALA B 90 -2.51 31.28 -19.13
N GLN B 91 -1.47 30.65 -19.68
CA GLN B 91 -1.26 30.65 -21.14
C GLN B 91 -2.34 29.86 -21.88
N ALA B 92 -2.73 28.71 -21.34
CA ALA B 92 -3.85 27.94 -21.85
C ALA B 92 -5.12 28.79 -21.84
N ARG B 93 -5.40 29.50 -20.74
N ARG B 93 -5.36 29.48 -20.73
CA ARG B 93 -6.55 30.39 -20.69
CA ARG B 93 -6.48 30.40 -20.60
C ARG B 93 -6.46 31.44 -21.79
C ARG B 93 -6.46 31.45 -21.72
N GLN B 94 -5.28 32.00 -21.97
CA GLN B 94 -5.06 33.01 -22.98
C GLN B 94 -5.36 32.47 -24.40
N ALA B 95 -5.01 31.22 -24.63
CA ALA B 95 -5.25 30.57 -25.91
C ALA B 95 -6.66 29.99 -26.02
N ASN B 96 -7.51 30.29 -25.03
CA ASN B 96 -8.88 29.79 -24.96
C ASN B 96 -8.92 28.26 -24.93
N VAL B 97 -7.94 27.68 -24.26
CA VAL B 97 -7.92 26.26 -24.06
C VAL B 97 -8.48 25.91 -22.69
N PHE B 98 -9.42 24.96 -22.65
CA PHE B 98 -10.06 24.54 -21.40
C PHE B 98 -9.18 23.56 -20.64
N ALA B 99 -8.72 23.97 -19.46
CA ALA B 99 -7.75 23.18 -18.72
C ALA B 99 -8.10 23.13 -17.25
N PRO B 100 -8.84 22.09 -16.85
CA PRO B 100 -9.34 22.02 -15.48
C PRO B 100 -8.20 21.86 -14.49
N ASP B 101 -8.34 22.38 -13.28
CA ASP B 101 -7.26 22.31 -12.32
C ASP B 101 -7.09 20.91 -11.74
N LEU B 102 -5.90 20.33 -11.87
CA LEU B 102 -5.65 19.01 -11.28
C LEU B 102 -4.83 19.06 -10.01
N MSE B 103 -4.07 20.14 -9.85
CA MSE B 103 -3.26 20.33 -8.64
C MSE B 103 -4.08 20.24 -7.36
O MSE B 103 -3.74 19.46 -6.47
CB MSE B 103 -2.55 21.70 -8.68
CG MSE B 103 -1.80 22.07 -7.42
SE MSE B 103 -0.18 20.97 -7.21
N ALA B 104 -5.15 21.03 -7.26
CA ALA B 104 -5.91 21.05 -6.02
C ALA B 104 -6.53 19.68 -5.64
N PRO B 105 -7.21 18.98 -6.57
CA PRO B 105 -7.75 17.69 -6.11
C PRO B 105 -6.70 16.60 -5.83
N MSE B 106 -5.59 16.56 -6.57
CA MSE B 106 -4.54 15.58 -6.28
C MSE B 106 -3.86 15.87 -4.93
O MSE B 106 -3.57 14.94 -4.16
CB MSE B 106 -3.49 15.55 -7.40
CG MSE B 106 -4.08 15.04 -8.68
SE MSE B 106 -2.70 14.82 -10.08
CE MSE B 106 -1.80 13.23 -9.36
N GLU B 107 -3.59 17.15 -4.67
CA GLU B 107 -3.04 17.60 -3.40
C GLU B 107 -4.00 17.27 -2.25
N GLN B 108 -5.29 17.48 -2.48
CA GLN B 108 -6.27 17.20 -1.44
C GLN B 108 -6.38 15.71 -1.16
N ALA B 109 -6.09 14.90 -2.16
CA ALA B 109 -6.18 13.45 -2.01
C ALA B 109 -4.99 12.80 -1.31
N LYS B 110 -3.95 13.58 -0.98
CA LYS B 110 -2.77 13.04 -0.32
C LYS B 110 -3.07 12.39 1.05
N ALA B 111 -4.10 12.87 1.72
CA ALA B 111 -4.49 12.28 3.00
C ALA B 111 -4.90 10.80 2.84
N ARG B 112 -5.46 10.48 1.68
N ARG B 112 -5.42 10.47 1.66
CA ARG B 112 -5.90 9.12 1.36
CA ARG B 112 -5.92 9.12 1.38
C ARG B 112 -4.74 8.13 1.31
C ARG B 112 -4.82 8.09 1.11
N GLY B 113 -3.65 8.55 0.68
CA GLY B 113 -2.56 7.66 0.33
C GLY B 113 -1.70 8.34 -0.72
N GLN B 114 -0.71 7.64 -1.26
CA GLN B 114 0.16 8.24 -2.26
C GLN B 114 -0.61 8.52 -3.55
N VAL B 115 -0.46 9.73 -4.07
CA VAL B 115 -1.06 10.06 -5.35
C VAL B 115 -0.01 9.97 -6.47
N PHE B 116 1.28 9.96 -6.11
CA PHE B 116 2.35 9.57 -7.00
C PHE B 116 3.15 8.41 -6.40
N LEU B 117 3.76 7.57 -7.23
CA LEU B 117 4.73 6.57 -6.72
C LEU B 117 5.99 7.23 -6.13
N ARG B 118 6.57 6.56 -5.12
CA ARG B 118 7.76 7.05 -4.47
C ARG B 118 8.98 6.96 -5.38
N THR B 119 9.09 5.89 -6.16
CA THR B 119 10.31 5.62 -6.93
C THR B 119 10.11 5.71 -8.44
N ASP B 120 8.98 6.28 -8.84
CA ASP B 120 8.59 6.29 -10.26
C ASP B 120 8.06 7.68 -10.60
N THR B 121 8.18 8.10 -11.86
CA THR B 121 7.63 9.39 -12.26
C THR B 121 6.10 9.50 -12.21
N HIS B 122 5.38 8.37 -12.20
CA HIS B 122 3.96 8.39 -12.55
C HIS B 122 3.06 8.51 -11.32
N TRP B 123 1.85 8.98 -11.56
CA TRP B 123 0.79 8.90 -10.57
C TRP B 123 0.50 7.44 -10.22
N THR B 124 0.08 7.19 -8.98
CA THR B 124 -0.51 5.92 -8.56
C THR B 124 -1.86 5.73 -9.23
N PRO B 125 -2.38 4.49 -9.26
CA PRO B 125 -3.76 4.29 -9.72
C PRO B 125 -4.77 5.20 -9.02
N MSE B 126 -4.61 5.40 -7.71
CA MSE B 126 -5.52 6.28 -7.02
C MSE B 126 -5.37 7.73 -7.45
O MSE B 126 -6.36 8.43 -7.60
CB MSE B 126 -5.33 6.15 -5.50
CG MSE B 126 -6.40 6.90 -4.72
SE MSE B 126 -5.75 8.69 -4.17
CE MSE B 126 -4.57 8.13 -2.69
N GLY B 127 -4.13 8.19 -7.64
CA GLY B 127 -3.89 9.55 -8.13
C GLY B 127 -4.50 9.78 -9.52
N ALA B 128 -4.36 8.79 -10.40
CA ALA B 128 -4.92 8.86 -11.75
C ALA B 128 -6.45 8.90 -11.67
N GLU B 129 -7.00 8.18 -10.70
CA GLU B 129 -8.43 8.13 -10.53
C GLU B 129 -8.93 9.51 -10.02
N VAL B 130 -8.19 10.13 -9.12
CA VAL B 130 -8.53 11.46 -8.65
C VAL B 130 -8.54 12.47 -9.83
N ALA B 131 -7.54 12.35 -10.69
CA ALA B 131 -7.46 13.24 -11.86
C ALA B 131 -8.61 13.00 -12.79
N ALA B 132 -8.90 11.74 -13.06
CA ALA B 132 -10.04 11.37 -13.91
C ALA B 132 -11.35 11.92 -13.38
N GLN B 133 -11.57 11.80 -12.08
N GLN B 133 -11.55 11.81 -12.07
CA GLN B 133 -12.79 12.31 -11.49
CA GLN B 133 -12.78 12.29 -11.47
C GLN B 133 -12.88 13.81 -11.62
C GLN B 133 -12.89 13.82 -11.52
N ALA B 134 -11.76 14.52 -11.45
CA ALA B 134 -11.76 15.97 -11.56
C ALA B 134 -12.09 16.39 -13.00
N LEU B 135 -11.50 15.68 -13.95
CA LEU B 135 -11.77 15.90 -15.38
C LEU B 135 -13.23 15.64 -15.70
N ALA B 136 -13.78 14.53 -15.22
CA ALA B 136 -15.19 14.18 -15.42
C ALA B 136 -16.16 15.21 -14.82
N GLU B 137 -15.84 15.70 -13.62
CA GLU B 137 -16.67 16.73 -13.03
C GLU B 137 -16.70 18.00 -13.88
N ALA B 138 -15.56 18.37 -14.45
CA ALA B 138 -15.45 19.56 -15.30
C ALA B 138 -16.27 19.37 -16.57
N VAL B 139 -16.12 18.20 -17.18
CA VAL B 139 -16.87 17.85 -18.38
C VAL B 139 -18.36 17.91 -18.09
N SER B 140 -18.78 17.39 -16.93
CA SER B 140 -20.18 17.41 -16.56
C SER B 140 -20.68 18.84 -16.40
N ARG B 141 -19.90 19.64 -15.68
CA ARG B 141 -20.24 21.01 -15.38
C ARG B 141 -20.38 21.87 -16.64
N GLN B 142 -19.56 21.60 -17.65
CA GLN B 142 -19.63 22.36 -18.88
C GLN B 142 -20.48 21.68 -19.95
N SER B 143 -21.14 20.57 -19.60
CA SER B 143 -22.04 19.87 -20.51
C SER B 143 -21.36 19.50 -21.84
N LEU B 144 -20.14 18.97 -21.77
CA LEU B 144 -19.37 18.71 -22.98
C LEU B 144 -19.71 17.37 -23.65
N LEU B 145 -20.37 16.48 -22.90
CA LEU B 145 -20.71 15.17 -23.43
C LEU B 145 -22.19 14.98 -23.49
N ASN B 146 -22.68 14.60 -24.67
CA ASN B 146 -24.07 14.19 -24.83
C ASN B 146 -24.16 12.71 -25.08
N GLY B 147 -25.34 12.15 -24.91
CA GLY B 147 -25.50 10.74 -25.20
C GLY B 147 -25.72 9.96 -23.93
N ASP B 148 -26.22 8.74 -24.08
CA ASP B 148 -26.59 7.93 -22.94
C ASP B 148 -25.35 7.48 -22.20
N PRO B 149 -25.37 7.61 -20.87
CA PRO B 149 -24.22 7.19 -20.07
C PRO B 149 -23.99 5.70 -20.25
N GLN B 150 -22.74 5.28 -20.27
CA GLN B 150 -22.41 3.87 -20.31
C GLN B 150 -21.67 3.53 -19.02
N ALA B 151 -22.08 2.44 -18.40
CA ALA B 151 -21.57 2.09 -17.08
C ALA B 151 -20.32 1.20 -17.13
N PHE B 152 -19.33 1.55 -16.34
CA PHE B 152 -18.11 0.74 -16.20
C PHE B 152 -17.89 0.42 -14.74
N ILE B 153 -17.18 -0.68 -14.47
CA ILE B 153 -16.87 -1.04 -13.09
C ILE B 153 -15.38 -1.25 -12.98
N THR B 154 -14.78 -0.69 -11.93
CA THR B 154 -13.34 -0.82 -11.74
C THR B 154 -13.12 -1.79 -10.60
N GLU B 155 -12.26 -2.78 -10.82
CA GLU B 155 -12.03 -3.82 -9.84
C GLU B 155 -10.60 -3.79 -9.34
N ALA B 156 -10.45 -3.78 -8.02
CA ALA B 156 -9.14 -3.79 -7.40
C ALA B 156 -8.64 -5.22 -7.31
N GLY B 157 -7.46 -5.47 -7.85
CA GLY B 157 -6.87 -6.80 -7.76
C GLY B 157 -5.81 -6.89 -6.68
N ASN B 158 -4.83 -7.76 -6.90
CA ASN B 158 -3.76 -7.97 -5.94
C ASN B 158 -2.77 -6.81 -5.98
N THR B 159 -2.08 -6.60 -4.87
CA THR B 159 -0.99 -5.63 -4.75
C THR B 159 0.33 -6.36 -4.75
N ALA B 160 1.32 -5.83 -5.47
CA ALA B 160 2.65 -6.43 -5.54
C ALA B 160 3.70 -5.33 -5.66
N PRO B 161 4.98 -5.66 -5.35
CA PRO B 161 6.10 -4.71 -5.49
C PRO B 161 6.24 -4.21 -6.91
N TYR B 162 6.66 -2.96 -7.07
CA TYR B 162 6.88 -2.38 -8.39
C TYR B 162 8.15 -1.52 -8.33
N LYS B 163 9.13 -1.90 -9.12
CA LYS B 163 10.38 -1.14 -9.22
C LYS B 163 10.16 0.02 -10.18
N GLY B 164 10.26 1.25 -9.68
CA GLY B 164 9.93 2.43 -10.46
C GLY B 164 10.91 2.78 -11.58
N ASP B 165 10.42 3.56 -12.55
CA ASP B 165 11.24 3.86 -13.72
C ASP B 165 12.49 4.66 -13.35
N LEU B 166 12.43 5.41 -12.25
CA LEU B 166 13.55 6.25 -11.87
C LEU B 166 14.70 5.45 -11.26
N THR B 167 14.43 4.21 -10.88
CA THR B 167 15.47 3.38 -10.29
C THR B 167 16.48 2.92 -11.35
N ASN B 168 16.03 2.84 -12.61
CA ASN B 168 16.92 2.49 -13.71
C ASN B 168 18.03 3.52 -13.93
N PHE B 169 17.90 4.69 -13.30
CA PHE B 169 18.89 5.76 -13.43
C PHE B 169 19.84 5.81 -12.24
N LEU B 170 19.66 4.90 -11.30
CA LEU B 170 20.55 4.88 -10.15
C LEU B 170 21.81 4.10 -10.46
N PRO B 171 22.93 4.48 -9.84
CA PRO B 171 24.18 3.69 -9.87
C PRO B 171 24.09 2.51 -8.90
N LEU B 172 23.65 1.35 -9.38
CA LEU B 172 23.59 0.16 -8.53
C LEU B 172 25.01 -0.27 -8.15
N ASP B 173 25.86 -0.39 -9.15
CA ASP B 173 27.25 -0.76 -8.92
C ASP B 173 28.02 0.43 -8.34
N PHE B 176 27.17 -0.30 -4.19
CA PHE B 176 26.23 0.11 -3.13
C PHE B 176 24.77 -0.24 -3.42
N SER B 177 24.51 -1.50 -3.76
CA SER B 177 23.15 -1.92 -4.08
C SER B 177 22.26 -1.94 -2.84
N ASN B 178 22.87 -1.98 -1.66
CA ASN B 178 22.12 -2.05 -0.40
C ASN B 178 21.36 -0.77 -0.05
N LEU B 179 21.79 0.36 -0.60
CA LEU B 179 21.15 1.64 -0.32
C LEU B 179 20.14 2.07 -1.40
N LEU B 180 19.81 1.14 -2.30
CA LEU B 180 18.78 1.37 -3.28
C LEU B 180 17.43 1.46 -2.58
N PRO B 181 16.55 2.36 -3.02
CA PRO B 181 15.25 2.50 -2.36
C PRO B 181 14.41 1.27 -2.47
N ALA B 182 13.63 1.00 -1.43
CA ALA B 182 12.61 -0.04 -1.51
C ALA B 182 11.68 0.18 -2.69
N PRO B 183 11.27 -0.91 -3.34
CA PRO B 183 10.27 -0.85 -4.40
C PRO B 183 8.97 -0.26 -3.88
N ASP B 184 8.22 0.41 -4.74
CA ASP B 184 6.84 0.77 -4.44
C ASP B 184 6.01 -0.49 -4.31
N ASN B 185 4.82 -0.36 -3.73
CA ASN B 185 3.79 -1.37 -3.92
C ASN B 185 2.79 -0.85 -4.94
N LEU B 186 2.24 -1.74 -5.75
CA LEU B 186 1.28 -1.32 -6.78
C LEU B 186 0.07 -2.24 -6.82
N GLN B 187 -1.10 -1.65 -6.61
CA GLN B 187 -2.37 -2.38 -6.71
C GLN B 187 -2.82 -2.48 -8.16
N LYS B 188 -3.11 -3.69 -8.59
CA LYS B 188 -3.68 -3.89 -9.92
C LYS B 188 -5.12 -3.39 -9.93
N ARG B 189 -5.42 -2.49 -10.85
N ARG B 189 -5.46 -2.49 -10.85
CA ARG B 189 -6.80 -2.07 -11.07
CA ARG B 189 -6.84 -2.03 -11.01
C ARG B 189 -7.10 -2.26 -12.54
C ARG B 189 -7.22 -2.04 -12.49
N THR B 190 -8.31 -2.72 -12.82
CA THR B 190 -8.77 -2.87 -14.21
C THR B 190 -10.23 -2.45 -14.27
N THR B 191 -10.64 -1.95 -15.43
CA THR B 191 -11.98 -1.42 -15.63
C THR B 191 -12.65 -2.11 -16.80
N ARG B 192 -13.90 -2.54 -16.64
CA ARG B 192 -14.63 -3.17 -17.74
C ARG B 192 -16.03 -2.62 -17.86
N PRO B 193 -16.60 -2.63 -19.07
CA PRO B 193 -17.99 -2.19 -19.22
C PRO B 193 -18.92 -3.22 -18.63
N VAL B 194 -20.06 -2.75 -18.14
CA VAL B 194 -21.03 -3.69 -17.65
C VAL B 194 -21.64 -4.46 -18.82
N ASP B 195 -21.91 -3.75 -19.91
CA ASP B 195 -22.39 -4.35 -21.16
C ASP B 195 -23.60 -5.26 -20.95
N GLN B 209 -19.55 5.80 -33.28
CA GLN B 209 -18.14 5.96 -32.99
C GLN B 209 -17.95 6.05 -31.48
N ILE B 210 -16.70 6.21 -31.04
CA ILE B 210 -16.42 6.33 -29.61
C ILE B 210 -16.36 7.82 -29.25
N PRO B 211 -17.10 8.22 -28.21
CA PRO B 211 -17.37 9.63 -27.91
C PRO B 211 -16.16 10.41 -27.39
N VAL B 212 -15.22 9.71 -26.76
CA VAL B 212 -14.08 10.35 -26.14
C VAL B 212 -12.77 9.72 -26.62
N ALA B 213 -11.78 10.56 -26.96
CA ALA B 213 -10.44 10.09 -27.28
C ALA B 213 -9.47 10.59 -26.21
N LEU B 214 -8.55 9.70 -25.79
CA LEU B 214 -7.50 10.03 -24.85
C LEU B 214 -6.16 10.10 -25.58
N VAL B 215 -5.47 11.24 -25.44
CA VAL B 215 -4.13 11.43 -26.02
C VAL B 215 -3.19 11.87 -24.88
N GLY B 216 -1.95 11.39 -24.92
CA GLY B 216 -0.99 11.71 -23.88
C GLY B 216 0.26 10.84 -23.89
N THR B 217 0.88 10.77 -22.72
CA THR B 217 2.17 10.13 -22.54
C THR B 217 2.02 8.75 -21.88
N SER B 218 3.12 8.24 -21.33
CA SER B 218 3.05 7.01 -20.54
C SER B 218 2.11 7.14 -19.33
N TYR B 219 1.80 8.36 -18.88
CA TYR B 219 0.78 8.54 -17.80
C TYR B 219 -0.57 7.95 -18.21
N SER B 220 -0.87 8.10 -19.50
CA SER B 220 -2.11 7.61 -20.10
C SER B 220 -1.94 6.27 -20.81
N ALA B 221 -0.77 6.01 -21.37
CA ALA B 221 -0.60 4.82 -22.22
C ALA B 221 -0.40 3.54 -21.41
N ASN B 222 0.17 3.67 -20.22
CA ASN B 222 0.57 2.49 -19.43
C ASN B 222 -0.59 2.04 -18.54
N PRO B 223 -1.09 0.83 -18.76
CA PRO B 223 -2.30 0.32 -18.08
C PRO B 223 -2.07 0.15 -16.57
N HIS B 224 -0.82 0.15 -16.13
CA HIS B 224 -0.54 0.04 -14.68
C HIS B 224 -1.20 1.16 -13.85
N TRP B 225 -1.43 2.33 -14.45
CA TRP B 225 -1.99 3.45 -13.70
C TRP B 225 -3.51 3.51 -13.91
N ASN B 226 -4.00 2.69 -14.85
CA ASN B 226 -5.42 2.58 -15.23
C ASN B 226 -6.13 3.92 -15.46
N PHE B 227 -5.41 4.89 -16.01
CA PHE B 227 -6.02 6.19 -16.26
C PHE B 227 -7.15 6.08 -17.27
N LEU B 228 -6.95 5.29 -18.33
CA LEU B 228 -8.01 5.07 -19.32
C LEU B 228 -9.28 4.51 -18.63
N GLY B 229 -9.13 3.43 -17.85
CA GLY B 229 -10.29 2.87 -17.16
C GLY B 229 -10.94 3.85 -16.19
N ALA B 230 -10.10 4.63 -15.51
CA ALA B 230 -10.62 5.58 -14.51
C ALA B 230 -11.46 6.64 -15.20
N LEU B 231 -11.06 7.02 -16.41
CA LEU B 231 -11.80 7.99 -17.20
C LEU B 231 -13.11 7.40 -17.71
N GLN B 232 -13.08 6.16 -18.17
CA GLN B 232 -14.30 5.53 -18.67
C GLN B 232 -15.35 5.48 -17.57
N GLN B 233 -14.91 5.04 -16.40
N GLN B 233 -14.93 5.06 -16.39
CA GLN B 233 -15.76 4.91 -15.23
CA GLN B 233 -15.85 4.90 -15.28
C GLN B 233 -16.33 6.25 -14.80
C GLN B 233 -16.34 6.25 -14.77
N ALA B 234 -15.46 7.26 -14.74
CA ALA B 234 -15.83 8.55 -14.21
C ALA B 234 -16.73 9.30 -15.19
N LEU B 235 -16.39 9.18 -16.46
CA LEU B 235 -17.15 9.86 -17.51
C LEU B 235 -18.43 9.13 -17.84
N ARG B 236 -18.53 7.86 -17.41
CA ARG B 236 -19.65 6.99 -17.82
C ARG B 236 -19.69 6.95 -19.35
N SER B 237 -18.51 6.74 -19.94
CA SER B 237 -18.42 6.77 -21.41
C SER B 237 -17.29 5.90 -21.91
N ASP B 238 -17.47 5.34 -23.09
N ASP B 238 -17.44 5.38 -23.12
CA ASP B 238 -16.33 4.65 -23.68
CA ASP B 238 -16.35 4.64 -23.74
C ASP B 238 -15.28 5.69 -24.04
C ASP B 238 -15.28 5.61 -24.22
N VAL B 239 -14.02 5.29 -23.93
CA VAL B 239 -12.89 6.16 -24.29
C VAL B 239 -11.89 5.35 -25.12
N ALA B 240 -11.36 5.93 -26.20
CA ALA B 240 -10.33 5.28 -27.01
C ALA B 240 -8.97 5.87 -26.71
N ASN B 241 -7.96 5.01 -26.57
CA ASN B 241 -6.66 5.48 -26.14
C ASN B 241 -5.67 5.65 -27.30
N TYR B 242 -5.19 6.87 -27.49
CA TYR B 242 -4.18 7.13 -28.53
C TYR B 242 -2.88 7.64 -27.91
N ALA B 243 -2.73 7.46 -26.61
CA ALA B 243 -1.49 7.85 -25.94
C ALA B 243 -0.33 6.93 -26.31
N GLU B 244 0.90 7.40 -26.13
CA GLU B 244 2.10 6.60 -26.42
C GLU B 244 3.14 6.73 -25.30
N ASP B 245 3.95 5.69 -25.10
CA ASP B 245 5.14 5.77 -24.25
C ASP B 245 6.31 6.40 -24.98
N GLY B 246 6.93 7.40 -24.37
CA GLY B 246 8.28 7.79 -24.72
C GLY B 246 8.46 8.88 -25.74
N HIS B 247 7.39 9.54 -26.16
CA HIS B 247 7.57 10.61 -27.15
C HIS B 247 7.03 11.96 -26.68
N GLY B 248 6.76 12.11 -25.38
CA GLY B 248 6.17 13.34 -24.89
C GLY B 248 4.71 13.43 -25.26
N PRO B 249 4.04 14.52 -24.88
CA PRO B 249 2.59 14.65 -25.06
C PRO B 249 2.16 15.22 -26.41
N LEU B 250 3.08 15.87 -27.13
CA LEU B 250 2.73 16.59 -28.36
C LEU B 250 2.71 15.66 -29.59
N LEU B 251 3.78 14.88 -29.77
CA LEU B 251 3.87 13.99 -30.94
C LEU B 251 2.66 13.02 -31.07
N PRO B 252 2.22 12.38 -29.97
CA PRO B 252 1.01 11.55 -30.12
C PRO B 252 -0.24 12.33 -30.54
N MSE B 253 -0.36 13.59 -30.14
CA MSE B 253 -1.51 14.41 -30.51
C MSE B 253 -1.46 14.78 -31.98
O MSE B 253 -2.48 14.73 -32.68
CB MSE B 253 -1.58 15.68 -29.67
CG MSE B 253 -2.65 16.65 -30.18
SE MSE B 253 -4.48 15.86 -30.16
CE MSE B 253 -4.73 16.11 -28.31
N LEU B 254 -0.29 15.20 -32.45
CA LEU B 254 -0.14 15.56 -33.86
C LEU B 254 -0.43 14.35 -34.72
N LYS B 255 0.06 13.19 -34.27
CA LYS B 255 -0.14 11.93 -34.98
C LYS B 255 -1.63 11.59 -35.05
N TYR B 256 -2.31 11.76 -33.93
CA TYR B 256 -3.76 11.52 -33.89
C TYR B 256 -4.54 12.43 -34.86
N LEU B 257 -4.17 13.70 -34.92
CA LEU B 257 -4.83 14.64 -35.80
C LEU B 257 -4.77 14.24 -37.27
N GLN B 258 -3.74 13.50 -37.64
CA GLN B 258 -3.57 13.13 -39.03
C GLN B 258 -4.00 11.70 -39.30
N SER B 259 -4.56 11.06 -38.27
CA SER B 259 -4.97 9.66 -38.39
C SER B 259 -6.28 9.51 -39.13
N ASP B 260 -6.47 8.35 -39.75
CA ASP B 260 -7.74 7.98 -40.34
C ASP B 260 -8.83 7.98 -39.26
N ALA B 261 -8.45 7.63 -38.05
CA ALA B 261 -9.38 7.61 -36.92
C ALA B 261 -10.08 8.96 -36.73
N PHE B 262 -9.30 10.03 -36.64
CA PHE B 262 -9.86 11.34 -36.38
C PHE B 262 -10.59 11.90 -37.61
N LYS B 263 -10.01 11.70 -38.80
CA LYS B 263 -10.62 12.17 -40.04
C LYS B 263 -11.99 11.57 -40.32
N ASN B 264 -12.17 10.31 -39.93
CA ASN B 264 -13.39 9.60 -40.29
C ASN B 264 -14.49 9.67 -39.24
N ALA B 265 -14.12 10.07 -38.02
CA ALA B 265 -15.10 10.14 -36.93
C ALA B 265 -14.50 10.93 -35.77
N ALA B 266 -14.64 12.26 -35.83
CA ALA B 266 -14.14 13.10 -34.74
C ALA B 266 -14.98 12.91 -33.47
N PRO B 267 -14.30 12.65 -32.36
CA PRO B 267 -14.96 12.41 -31.09
C PRO B 267 -15.55 13.70 -30.50
N GLN B 268 -16.54 13.59 -29.61
CA GLN B 268 -17.11 14.78 -28.97
C GLN B 268 -16.07 15.48 -28.10
N VAL B 269 -15.27 14.67 -27.40
CA VAL B 269 -14.28 15.22 -26.48
C VAL B 269 -12.92 14.56 -26.69
N VAL B 270 -11.87 15.36 -26.70
CA VAL B 270 -10.51 14.85 -26.64
C VAL B 270 -9.90 15.26 -25.31
N VAL B 271 -9.53 14.28 -24.52
CA VAL B 271 -8.78 14.56 -23.31
C VAL B 271 -7.26 14.47 -23.64
N TRP B 272 -6.55 15.56 -23.39
CA TRP B 272 -5.12 15.65 -23.73
C TRP B 272 -4.27 15.75 -22.47
N GLU B 273 -3.65 14.63 -22.07
CA GLU B 273 -2.84 14.59 -20.86
C GLU B 273 -1.43 15.15 -21.19
N PHE B 274 -1.03 16.20 -20.49
CA PHE B 274 0.15 17.00 -20.81
C PHE B 274 0.82 17.41 -19.50
N PRO B 275 1.77 16.58 -19.01
CA PRO B 275 2.42 16.93 -17.75
C PRO B 275 3.18 18.25 -17.87
N GLU B 276 3.17 19.07 -16.83
CA GLU B 276 3.76 20.41 -16.90
C GLU B 276 5.22 20.46 -17.36
N ARG B 277 6.02 19.47 -16.97
CA ARG B 277 7.47 19.52 -17.27
C ARG B 277 7.75 19.51 -18.77
N TYR B 278 6.79 19.08 -19.60
CA TYR B 278 7.02 19.03 -21.05
C TYR B 278 6.84 20.39 -21.75
N LEU B 279 6.26 21.38 -21.08
CA LEU B 279 5.98 22.64 -21.76
C LEU B 279 7.26 23.36 -22.26
N PRO B 280 8.35 23.36 -21.46
CA PRO B 280 9.56 23.96 -22.04
C PRO B 280 10.48 22.99 -22.81
N MSE B 281 10.03 21.78 -23.12
CA MSE B 281 10.96 20.81 -23.71
C MSE B 281 10.84 20.79 -25.23
O MSE B 281 9.77 21.07 -25.78
CB MSE B 281 10.71 19.42 -23.12
CG MSE B 281 11.16 19.35 -21.65
SE MSE B 281 10.75 17.65 -20.71
CE MSE B 281 12.20 16.60 -21.54
N LYS B 282 11.94 20.47 -25.89
CA LYS B 282 11.99 20.47 -27.35
C LYS B 282 11.32 19.25 -27.95
N ASN B 283 10.50 19.48 -28.95
CA ASN B 283 9.86 18.39 -29.67
C ASN B 283 10.41 18.22 -31.09
N ASP B 284 10.70 16.97 -31.46
CA ASP B 284 11.14 16.67 -32.83
C ASP B 284 9.93 16.61 -33.76
N LEU B 285 9.78 17.63 -34.60
CA LEU B 285 8.63 17.70 -35.50
C LEU B 285 8.97 17.29 -36.94
N SER B 286 10.16 16.72 -37.12
CA SER B 286 10.63 16.39 -38.47
C SER B 286 9.73 15.41 -39.23
N SER B 287 8.92 14.63 -38.52
CA SER B 287 8.10 13.63 -39.21
C SER B 287 6.83 14.25 -39.81
N PHE B 288 6.56 15.51 -39.50
CA PHE B 288 5.31 16.14 -39.98
C PHE B 288 5.56 17.13 -41.10
N ASP B 289 4.54 17.37 -41.93
CA ASP B 289 4.60 18.35 -43.01
C ASP B 289 4.87 19.74 -42.43
N PRO B 290 6.02 20.35 -42.80
CA PRO B 290 6.35 21.64 -42.20
C PRO B 290 5.31 22.74 -42.47
N GLN B 291 4.63 22.68 -43.62
CA GLN B 291 3.58 23.66 -43.89
C GLN B 291 2.42 23.44 -42.93
N TRP B 292 2.13 22.20 -42.59
CA TRP B 292 1.05 21.94 -41.63
C TRP B 292 1.42 22.41 -40.22
N ILE B 293 2.65 22.14 -39.80
CA ILE B 293 3.11 22.66 -38.51
C ILE B 293 3.00 24.19 -38.48
N ALA B 294 3.40 24.84 -39.57
CA ALA B 294 3.28 26.30 -39.68
C ALA B 294 1.82 26.75 -39.54
N GLN B 295 0.89 26.04 -40.20
CA GLN B 295 -0.54 26.35 -40.11
C GLN B 295 -1.06 26.29 -38.69
N LEU B 296 -0.67 25.25 -37.96
CA LEU B 296 -1.04 25.07 -36.56
C LEU B 296 -0.62 26.26 -35.72
N LYS B 297 0.63 26.69 -35.89
CA LYS B 297 1.17 27.79 -35.08
C LYS B 297 0.54 29.11 -35.46
N ASN B 298 0.08 29.22 -36.70
CA ASN B 298 -0.51 30.44 -37.20
C ASN B 298 -2.05 30.41 -37.30
N SER B 299 -2.70 29.57 -36.49
CA SER B 299 -4.13 29.34 -36.65
C SER B 299 -5.00 30.57 -36.30
N ARG B 300 -4.44 31.50 -35.53
CA ARG B 300 -5.16 32.73 -35.20
C ARG B 300 -4.83 33.82 -36.23
#